data_5LAC
#
_entry.id   5LAC
#
_cell.length_a   94.144
_cell.length_b   111.353
_cell.length_c   58.191
_cell.angle_alpha   90.00
_cell.angle_beta   90.00
_cell.angle_gamma   90.00
#
_symmetry.space_group_name_H-M   'P 21 21 2'
#
loop_
_entity.id
_entity.type
_entity.pdbx_description
1 polymer '3Cl Protease'
2 non-polymer GLYCEROL
3 water water
#
_entity_poly.entity_id   1
_entity_poly.type   'polypeptide(L)'
_entity_poly.pdbx_seq_one_letter_code
;SAASNPSISHIVLE(MSE)PVAINPLIKYTTRTSVSSLRGAVVNGYIYIQRHLFGSKKQEFEACYNNGKGLLNCKNLERS
KYDIDSAELIGTLIRIPLHDKHSIPHISIHPDPLSYNGPVTLYLSRYDTELNKDVLCVHTGF(MSE)SEGHHDIKTVFGD
CGG(MSE)LFDPKGRLLGLHCAGSDDVVF(MSE)DTTTGKSNIWTSYKLQHPSEI(MSE)ITLNNEINLPNPANYDFETT
KVVYQHPLRNVCATLETLQHLTNKTNAKLPYDSRLLSDFNITAEQYNQYGYYIDYNNFVNNFNRYTTTTIGTKSFETCIK
YGL(MSE)DNKKPDYYNQ
;
_entity_poly.pdbx_strand_id   A,B
#
loop_
_chem_comp.id
_chem_comp.type
_chem_comp.name
_chem_comp.formula
GOL non-polymer GLYCEROL 'C3 H8 O3'
#
# COMPACT_ATOMS: atom_id res chain seq x y z
N SER A 1 10.19 -1.92 -7.07
CA SER A 1 10.10 -3.38 -7.10
C SER A 1 9.57 -3.90 -5.77
N ALA A 2 9.37 -5.21 -5.69
CA ALA A 2 8.93 -5.84 -4.45
C ALA A 2 9.97 -5.70 -3.34
N ALA A 3 11.22 -5.38 -3.68
CA ALA A 3 12.25 -5.22 -2.65
C ALA A 3 11.94 -3.98 -1.80
N SER A 4 11.22 -3.01 -2.34
CA SER A 4 10.98 -1.77 -1.60
C SER A 4 9.51 -1.44 -1.30
N ASN A 5 8.59 -2.31 -1.75
CA ASN A 5 7.17 -2.18 -1.40
C ASN A 5 6.88 -2.98 -0.14
N PRO A 6 6.49 -2.30 0.95
CA PRO A 6 6.24 -2.95 2.25
C PRO A 6 5.17 -4.03 2.15
N SER A 7 4.25 -3.86 1.19
CA SER A 7 3.27 -4.89 0.84
C SER A 7 2.52 -5.37 2.07
N ILE A 8 2.11 -4.42 2.91
CA ILE A 8 1.46 -4.76 4.17
C ILE A 8 0.14 -5.45 3.92
N SER A 9 -0.10 -6.52 4.67
CA SER A 9 -1.38 -7.22 4.63
C SER A 9 -2.40 -6.53 5.56
N HIS A 10 -3.47 -5.97 4.98
CA HIS A 10 -4.55 -5.38 5.74
C HIS A 10 -5.82 -6.20 5.65
N ILE A 11 -6.49 -6.43 6.79
CA ILE A 11 -7.75 -7.16 6.70
C ILE A 11 -8.78 -6.30 5.98
N VAL A 12 -9.47 -6.90 5.01
CA VAL A 12 -10.48 -6.21 4.20
C VAL A 12 -11.73 -5.92 5.03
N LEU A 13 -12.11 -4.65 5.10
CA LEU A 13 -13.31 -4.28 5.85
C LEU A 13 -14.52 -4.12 4.93
N GLU A 14 -15.66 -4.65 5.37
CA GLU A 14 -16.91 -4.50 4.63
C GLU A 14 -17.80 -3.48 5.35
N MSE A 15 -17.90 -2.28 4.79
CA MSE A 15 -18.68 -1.21 5.40
C MSE A 15 -19.45 -0.48 4.32
O MSE A 15 -18.93 -0.32 3.22
CB MSE A 15 -17.77 -0.23 6.17
CG MSE A 15 -16.99 -0.84 7.35
SE MSE A 15 -15.72 0.48 8.12
CE MSE A 15 -14.52 0.74 6.58
N PRO A 16 -20.67 -0.03 4.63
CA PRO A 16 -21.43 0.76 3.65
C PRO A 16 -20.81 2.14 3.47
N VAL A 17 -20.93 2.73 2.29
CA VAL A 17 -20.35 4.04 2.06
C VAL A 17 -21.02 5.08 2.99
N ALA A 18 -22.26 4.79 3.42
CA ALA A 18 -23.00 5.66 4.33
C ALA A 18 -22.33 5.85 5.70
N ILE A 19 -21.31 5.04 5.99
CA ILE A 19 -20.60 5.19 7.26
C ILE A 19 -19.75 6.48 7.29
N ASN A 20 -19.49 7.06 6.12
CA ASN A 20 -18.58 8.20 6.03
C ASN A 20 -19.21 9.31 5.16
N PRO A 21 -20.40 9.82 5.58
CA PRO A 21 -21.14 10.76 4.73
C PRO A 21 -20.46 12.13 4.60
N LEU A 22 -20.54 12.70 3.40
CA LEU A 22 -20.08 14.06 3.18
C LEU A 22 -21.11 15.02 3.76
N ILE A 23 -20.68 15.84 4.71
CA ILE A 23 -21.57 16.80 5.36
C ILE A 23 -21.22 18.21 4.88
N LYS A 24 -22.24 18.97 4.48
CA LYS A 24 -22.03 20.33 3.94
C LYS A 24 -22.72 21.41 4.76
N TYR A 25 -21.95 22.35 5.29
CA TYR A 25 -22.50 23.50 6.00
C TYR A 25 -22.57 24.69 5.05
N THR A 26 -23.78 25.20 4.83
CA THR A 26 -23.98 26.25 3.86
C THR A 26 -24.62 27.50 4.46
N THR A 27 -24.18 28.66 3.97
CA THR A 27 -24.85 29.93 4.21
C THR A 27 -25.34 30.39 2.84
N ARG A 28 -25.92 31.58 2.77
CA ARG A 28 -26.42 32.09 1.50
C ARG A 28 -25.27 32.27 0.50
N THR A 29 -24.07 32.49 1.00
CA THR A 29 -22.96 32.80 0.10
C THR A 29 -21.72 31.92 0.25
N SER A 30 -21.82 30.85 1.02
CA SER A 30 -20.65 29.99 1.17
C SER A 30 -20.99 28.55 1.53
N VAL A 31 -20.01 27.68 1.32
CA VAL A 31 -20.15 26.26 1.60
C VAL A 31 -18.87 25.76 2.24
N SER A 32 -19.05 24.99 3.30
CA SER A 32 -17.93 24.29 3.92
C SER A 32 -18.33 22.83 3.97
N SER A 33 -17.37 21.93 3.82
CA SER A 33 -17.69 20.50 3.85
C SER A 33 -16.56 19.61 4.38
N LEU A 34 -16.96 18.51 4.99
CA LEU A 34 -16.04 17.44 5.35
C LEU A 34 -16.86 16.18 5.57
N ARG A 35 -16.20 15.11 5.94
CA ARG A 35 -16.91 13.88 6.17
C ARG A 35 -17.19 13.66 7.64
N GLY A 36 -18.36 13.10 7.93
CA GLY A 36 -18.67 12.59 9.25
C GLY A 36 -18.32 11.12 9.32
N ALA A 37 -18.15 10.61 10.53
CA ALA A 37 -17.89 9.20 10.71
C ALA A 37 -18.97 8.61 11.63
N VAL A 38 -19.70 7.62 11.12
CA VAL A 38 -20.74 6.95 11.90
C VAL A 38 -20.15 5.73 12.58
N VAL A 39 -19.93 5.87 13.88
CA VAL A 39 -19.27 4.82 14.64
C VAL A 39 -20.15 4.38 15.80
N ASN A 40 -20.61 3.13 15.70
CA ASN A 40 -21.33 2.46 16.77
C ASN A 40 -22.47 3.30 17.37
N GLY A 41 -23.34 3.82 16.51
CA GLY A 41 -24.56 4.47 16.97
C GLY A 41 -24.53 5.99 16.99
N TYR A 42 -23.38 6.58 16.66
CA TYR A 42 -23.23 8.04 16.69
C TYR A 42 -22.48 8.52 15.45
N ILE A 43 -22.80 9.72 14.99
CA ILE A 43 -21.98 10.32 13.95
C ILE A 43 -21.06 11.35 14.60
N TYR A 44 -19.81 11.36 14.16
CA TYR A 44 -18.81 12.27 14.67
C TYR A 44 -18.39 13.23 13.57
N ILE A 45 -18.55 14.52 13.84
CA ILE A 45 -18.21 15.60 12.93
C ILE A 45 -17.27 16.60 13.62
N GLN A 46 -16.16 16.93 12.99
CA GLN A 46 -15.21 17.87 13.58
C GLN A 46 -15.63 19.34 13.47
N ARG A 47 -15.21 20.13 14.46
CA ARG A 47 -15.66 21.51 14.62
C ARG A 47 -15.44 22.37 13.39
N HIS A 48 -14.36 22.12 12.68
CA HIS A 48 -13.99 23.07 11.64
C HIS A 48 -14.87 22.97 10.38
N LEU A 49 -15.84 22.06 10.39
CA LEU A 49 -16.97 22.13 9.46
C LEU A 49 -17.59 23.53 9.47
N PHE A 50 -17.65 24.12 10.66
CA PHE A 50 -18.23 25.45 10.83
C PHE A 50 -17.18 26.55 10.80
N GLU A 56 -15.49 32.62 15.54
CA GLU A 56 -16.24 32.30 14.32
C GLU A 56 -17.03 30.99 14.47
N PHE A 57 -16.47 30.04 15.21
CA PHE A 57 -17.12 28.74 15.39
C PHE A 57 -18.42 28.83 16.22
N GLU A 58 -18.34 29.51 17.37
CA GLU A 58 -19.46 29.55 18.31
C GLU A 58 -20.70 30.17 17.66
N ALA A 59 -20.48 31.21 16.86
CA ALA A 59 -21.56 31.87 16.14
C ALA A 59 -22.17 30.96 15.06
N CYS A 60 -21.34 30.18 14.38
CA CYS A 60 -21.83 29.30 13.32
C CYS A 60 -22.44 28.02 13.88
N TYR A 61 -21.78 27.43 14.87
CA TYR A 61 -22.30 26.22 15.50
C TYR A 61 -23.54 26.54 16.32
N ASN A 62 -23.49 27.68 17.00
CA ASN A 62 -24.63 28.19 17.75
C ASN A 62 -25.23 27.16 18.70
N ASN A 63 -24.37 26.57 19.54
CA ASN A 63 -24.77 25.54 20.50
C ASN A 63 -25.58 24.38 19.87
N GLY A 64 -25.21 23.97 18.66
CA GLY A 64 -25.87 22.87 18.00
C GLY A 64 -26.94 23.28 16.99
N LYS A 65 -27.41 24.53 17.10
CA LYS A 65 -28.44 25.03 16.19
C LYS A 65 -27.94 25.13 14.76
N GLY A 66 -26.64 25.36 14.58
CA GLY A 66 -26.04 25.42 13.26
C GLY A 66 -26.13 24.13 12.47
N LEU A 67 -26.43 23.02 13.16
CA LEU A 67 -26.55 21.71 12.51
C LEU A 67 -27.76 21.62 11.58
N LEU A 68 -28.73 22.50 11.79
CA LEU A 68 -29.94 22.50 10.97
C LEU A 68 -29.68 22.99 9.55
N ASN A 69 -28.55 23.67 9.35
CA ASN A 69 -28.19 24.20 8.03
C ASN A 69 -27.20 23.29 7.29
N CYS A 70 -27.10 22.04 7.73
CA CYS A 70 -26.17 21.09 7.14
C CYS A 70 -26.87 20.08 6.26
N LYS A 71 -26.40 19.92 5.03
CA LYS A 71 -26.93 18.90 4.13
C LYS A 71 -26.38 17.53 4.51
N ASN A 72 -27.16 16.48 4.24
CA ASN A 72 -26.82 15.10 4.58
C ASN A 72 -26.75 14.87 6.09
N LEU A 73 -27.47 15.70 6.85
CA LEU A 73 -27.55 15.54 8.29
C LEU A 73 -29.02 15.51 8.75
N GLU A 74 -29.81 14.63 8.13
CA GLU A 74 -31.27 14.61 8.31
C GLU A 74 -31.76 14.29 9.71
N ARG A 75 -32.78 15.02 10.12
CA ARG A 75 -33.40 14.84 11.43
C ARG A 75 -34.03 13.44 11.56
N SER A 76 -34.36 12.83 10.43
CA SER A 76 -34.96 11.50 10.44
C SER A 76 -33.92 10.45 10.76
N LYS A 77 -32.65 10.78 10.49
CA LYS A 77 -31.54 9.88 10.75
C LYS A 77 -30.84 10.17 12.07
N TYR A 78 -30.69 11.46 12.39
CA TYR A 78 -29.85 11.85 13.52
C TYR A 78 -30.62 12.64 14.57
N ASP A 79 -30.36 12.33 15.84
CA ASP A 79 -31.00 13.03 16.94
C ASP A 79 -30.30 14.36 17.21
N ILE A 80 -30.55 15.32 16.32
CA ILE A 80 -29.87 16.60 16.32
C ILE A 80 -29.94 17.32 17.67
N ASP A 81 -31.08 17.21 18.34
CA ASP A 81 -31.30 17.92 19.58
C ASP A 81 -30.40 17.39 20.69
N SER A 82 -29.89 16.18 20.50
CA SER A 82 -29.03 15.55 21.50
C SER A 82 -27.55 15.62 21.13
N ALA A 83 -27.21 16.51 20.19
CA ALA A 83 -25.82 16.66 19.76
C ALA A 83 -24.96 17.19 20.92
N GLU A 84 -23.78 16.62 21.08
CA GLU A 84 -22.91 17.03 22.16
C GLU A 84 -21.58 17.52 21.61
N LEU A 85 -21.15 18.69 22.06
CA LEU A 85 -19.85 19.21 21.74
C LEU A 85 -18.81 18.60 22.69
N ILE A 86 -17.95 17.76 22.15
CA ILE A 86 -16.91 17.15 22.96
C ILE A 86 -15.55 17.63 22.48
N GLY A 87 -15.11 18.80 22.95
CA GLY A 87 -13.86 19.36 22.47
C GLY A 87 -13.94 19.71 20.98
N THR A 88 -13.14 19.04 20.17
CA THR A 88 -13.12 19.33 18.74
C THR A 88 -14.12 18.47 17.97
N LEU A 89 -14.71 17.51 18.66
CA LEU A 89 -15.73 16.65 18.08
C LEU A 89 -17.13 17.07 18.42
N ILE A 90 -17.99 17.01 17.41
CA ILE A 90 -19.44 17.05 17.62
C ILE A 90 -19.95 15.61 17.45
N ARG A 91 -20.65 15.10 18.46
CA ARG A 91 -21.17 13.74 18.41
C ARG A 91 -22.70 13.78 18.47
N ILE A 92 -23.33 13.15 17.48
CA ILE A 92 -24.80 13.13 17.38
C ILE A 92 -25.32 11.71 17.36
N PRO A 93 -26.27 11.37 18.25
CA PRO A 93 -26.83 10.01 18.21
C PRO A 93 -27.64 9.76 16.94
N LEU A 94 -27.54 8.54 16.42
CA LEU A 94 -28.46 8.08 15.38
C LEU A 94 -29.78 7.71 16.06
N HIS A 95 -30.90 7.88 15.35
CA HIS A 95 -32.19 7.39 15.88
C HIS A 95 -32.19 5.86 15.95
N ASP A 96 -31.73 5.21 14.87
CA ASP A 96 -31.56 3.75 14.79
C ASP A 96 -30.07 3.48 14.90
N LYS A 97 -29.60 3.10 16.09
CA LYS A 97 -28.16 2.94 16.34
C LYS A 97 -27.47 1.85 15.52
N HIS A 98 -28.24 0.93 14.95
CA HIS A 98 -27.66 -0.09 14.07
C HIS A 98 -28.08 0.04 12.60
N SER A 99 -28.54 1.22 12.19
CA SER A 99 -28.79 1.47 10.77
C SER A 99 -27.47 1.38 9.97
N ILE A 100 -26.38 1.79 10.61
CA ILE A 100 -25.01 1.57 10.11
C ILE A 100 -24.37 0.48 10.99
N PRO A 101 -23.81 -0.58 10.37
CA PRO A 101 -23.22 -1.66 11.20
C PRO A 101 -22.08 -1.16 12.09
N HIS A 102 -22.02 -1.68 13.31
CA HIS A 102 -20.98 -1.30 14.27
C HIS A 102 -19.62 -1.91 13.88
N ILE A 103 -18.55 -1.33 14.41
CA ILE A 103 -17.18 -1.71 14.03
C ILE A 103 -16.28 -1.88 15.23
N SER A 104 -15.19 -2.61 15.05
CA SER A 104 -14.26 -2.83 16.14
C SER A 104 -13.45 -1.57 16.43
N ILE A 105 -13.16 -1.35 17.70
CA ILE A 105 -12.46 -0.14 18.11
C ILE A 105 -11.14 -0.51 18.75
N HIS A 106 -10.03 0.12 18.32
CA HIS A 106 -8.75 -0.12 18.95
C HIS A 106 -8.80 0.36 20.41
N PRO A 107 -8.33 -0.47 21.35
CA PRO A 107 -8.43 -0.17 22.77
C PRO A 107 -7.47 0.95 23.22
N ASP A 108 -6.39 1.19 22.50
CA ASP A 108 -5.45 2.24 22.90
C ASP A 108 -4.79 2.92 21.69
N PRO A 109 -5.58 3.68 20.93
CA PRO A 109 -5.17 4.13 19.59
C PRO A 109 -3.93 5.05 19.53
N LEU A 110 -3.73 5.93 20.52
CA LEU A 110 -2.57 6.84 20.42
C LEU A 110 -1.27 6.16 20.79
N SER A 111 -1.34 4.90 21.22
N SER A 111 -1.37 4.88 21.18
CA SER A 111 -0.14 4.13 21.49
CA SER A 111 -0.19 4.07 21.51
C SER A 111 0.24 3.24 20.31
C SER A 111 0.23 3.25 20.30
N TYR A 112 -0.63 3.20 19.29
CA TYR A 112 -0.38 2.39 18.11
C TYR A 112 0.76 2.95 17.27
N ASN A 113 1.62 2.04 16.80
CA ASN A 113 2.71 2.38 15.87
C ASN A 113 2.78 1.26 14.83
N GLY A 114 2.61 1.61 13.57
CA GLY A 114 2.68 0.64 12.48
C GLY A 114 1.82 1.02 11.29
N PRO A 115 1.65 0.09 10.34
CA PRO A 115 0.82 0.32 9.15
C PRO A 115 -0.64 0.61 9.48
N VAL A 116 -1.27 1.45 8.65
CA VAL A 116 -2.68 1.81 8.81
C VAL A 116 -3.34 1.90 7.44
N THR A 117 -4.66 1.94 7.44
CA THR A 117 -5.43 2.27 6.26
C THR A 117 -6.26 3.49 6.58
N LEU A 118 -6.53 4.27 5.54
CA LEU A 118 -7.46 5.38 5.61
C LEU A 118 -8.62 5.07 4.69
N TYR A 119 -9.85 5.11 5.23
CA TYR A 119 -11.05 4.91 4.43
C TYR A 119 -11.78 6.24 4.23
N LEU A 120 -12.18 6.51 3.00
CA LEU A 120 -12.84 7.77 2.65
C LEU A 120 -13.96 7.50 1.66
N SER A 121 -15.12 8.10 1.86
CA SER A 121 -16.14 8.09 0.82
C SER A 121 -15.74 9.02 -0.33
N ARG A 122 -15.99 8.58 -1.56
CA ARG A 122 -15.85 9.42 -2.75
C ARG A 122 -16.94 9.07 -3.76
N TYR A 123 -17.26 10.03 -4.61
CA TYR A 123 -18.12 9.74 -5.75
C TYR A 123 -17.25 9.34 -6.95
N ASP A 124 -17.41 8.11 -7.42
CA ASP A 124 -16.64 7.66 -8.57
C ASP A 124 -17.37 7.93 -9.89
N THR A 125 -16.73 8.72 -10.75
CA THR A 125 -17.35 9.16 -12.00
C THR A 125 -17.38 8.07 -13.09
N GLU A 126 -16.56 7.04 -12.95
CA GLU A 126 -16.61 5.87 -13.84
C GLU A 126 -17.74 4.91 -13.45
N LEU A 127 -17.83 4.57 -12.17
CA LEU A 127 -18.83 3.61 -11.70
C LEU A 127 -20.20 4.25 -11.43
N ASN A 128 -20.22 5.59 -11.43
CA ASN A 128 -21.40 6.41 -11.18
C ASN A 128 -22.08 6.17 -9.83
N LYS A 129 -21.31 6.10 -8.75
CA LYS A 129 -21.92 5.91 -7.45
C LYS A 129 -20.95 6.31 -6.37
N ASP A 130 -21.49 6.54 -5.17
CA ASP A 130 -20.65 6.79 -4.01
C ASP A 130 -19.99 5.49 -3.62
N VAL A 131 -18.69 5.54 -3.37
CA VAL A 131 -17.95 4.35 -2.98
C VAL A 131 -16.98 4.66 -1.86
N LEU A 132 -16.69 3.65 -1.05
CA LEU A 132 -15.63 3.75 -0.04
C LEU A 132 -14.30 3.47 -0.69
N CYS A 133 -13.30 4.30 -0.38
CA CYS A 133 -11.96 4.16 -0.93
C CYS A 133 -10.97 3.86 0.20
N VAL A 134 -10.02 2.99 -0.08
CA VAL A 134 -9.01 2.67 0.93
C VAL A 134 -7.64 3.13 0.43
N HIS A 135 -6.80 3.55 1.38
CA HIS A 135 -5.45 4.04 1.14
C HIS A 135 -4.55 3.46 2.21
N THR A 136 -3.34 3.08 1.86
CA THR A 136 -2.44 2.47 2.85
C THR A 136 -1.34 3.43 3.26
N GLY A 137 -0.86 3.27 4.49
CA GLY A 137 0.24 4.10 4.97
C GLY A 137 0.70 3.65 6.34
N PHE A 138 1.30 4.58 7.09
CA PHE A 138 1.95 4.28 8.35
C PHE A 138 1.59 5.31 9.40
N MSE A 139 1.47 4.89 10.65
CA MSE A 139 1.16 5.83 11.73
C MSE A 139 2.06 5.61 12.94
O MSE A 139 2.41 4.47 13.25
CB MSE A 139 -0.32 5.71 12.15
CG MSE A 139 -0.69 6.61 13.33
SE MSE A 139 -2.56 6.45 13.87
CE MSE A 139 -3.39 7.05 12.20
N SER A 140 2.42 6.70 13.60
CA SER A 140 3.16 6.67 14.85
C SER A 140 2.46 7.58 15.88
N GLU A 141 1.78 6.98 16.84
CA GLU A 141 1.06 7.71 17.91
C GLU A 141 0.21 8.88 17.43
N GLY A 142 -0.70 8.62 16.48
CA GLY A 142 -1.61 9.66 16.03
C GLY A 142 -1.08 10.57 14.95
N HIS A 143 0.08 10.23 14.38
CA HIS A 143 0.61 10.99 13.24
C HIS A 143 0.86 10.05 12.08
N HIS A 144 0.40 10.39 10.87
CA HIS A 144 0.48 9.43 9.78
C HIS A 144 0.96 10.07 8.49
N ASP A 145 1.12 9.25 7.44
CA ASP A 145 1.75 9.69 6.20
C ASP A 145 0.88 9.53 4.95
N ILE A 146 -0.44 9.46 5.14
CA ILE A 146 -1.36 9.35 4.01
C ILE A 146 -1.81 10.74 3.58
N LYS A 147 -1.50 11.10 2.34
CA LYS A 147 -1.78 12.45 1.83
C LYS A 147 -3.27 12.76 1.81
N THR A 148 -3.64 13.94 2.32
CA THR A 148 -5.05 14.35 2.40
C THR A 148 -5.24 15.79 1.94
N VAL A 149 -6.49 16.16 1.65
CA VAL A 149 -6.89 17.57 1.48
C VAL A 149 -7.87 17.92 2.61
N PHE A 150 -8.21 19.20 2.78
CA PHE A 150 -8.96 19.64 3.95
C PHE A 150 -10.30 18.93 4.11
N GLY A 151 -10.96 18.65 2.99
CA GLY A 151 -12.25 17.98 3.05
C GLY A 151 -12.17 16.54 3.53
N ASP A 152 -10.95 16.00 3.56
CA ASP A 152 -10.76 14.61 3.92
C ASP A 152 -10.76 14.44 5.43
N CYS A 153 -10.85 15.57 6.14
N CYS A 153 -10.84 15.56 6.14
CA CYS A 153 -11.10 15.51 7.57
CA CYS A 153 -11.04 15.48 7.59
C CYS A 153 -12.32 14.62 7.76
C CYS A 153 -12.32 14.68 7.83
N GLY A 154 -12.24 13.69 8.71
CA GLY A 154 -13.33 12.78 8.94
C GLY A 154 -13.17 11.41 8.28
N GLY A 155 -12.14 11.26 7.45
CA GLY A 155 -11.76 9.94 6.96
C GLY A 155 -11.39 9.04 8.11
N MSE A 156 -11.59 7.73 7.96
CA MSE A 156 -11.47 6.82 9.08
C MSE A 156 -10.20 5.97 9.01
O MSE A 156 -9.90 5.36 7.97
CB MSE A 156 -12.73 5.95 9.16
CG MSE A 156 -13.98 6.83 9.37
SE MSE A 156 -15.66 5.87 9.02
CE MSE A 156 -15.48 4.51 10.38
N LEU A 157 -9.46 5.93 10.12
CA LEU A 157 -8.17 5.27 10.15
C LEU A 157 -8.24 3.97 10.95
N PHE A 158 -7.71 2.89 10.37
CA PHE A 158 -7.79 1.56 10.96
C PHE A 158 -6.42 0.91 11.05
N ASP A 159 -6.25 0.06 12.05
CA ASP A 159 -5.04 -0.76 12.13
C ASP A 159 -5.20 -1.96 11.16
N PRO A 160 -4.15 -2.77 10.96
CA PRO A 160 -4.27 -3.83 9.93
C PRO A 160 -5.23 -4.95 10.30
N LYS A 161 -5.70 -4.97 11.54
CA LYS A 161 -6.64 -5.99 11.97
C LYS A 161 -8.06 -5.51 11.85
N GLY A 162 -8.23 -4.28 11.36
CA GLY A 162 -9.55 -3.71 11.15
C GLY A 162 -10.14 -2.98 12.35
N ARG A 163 -9.30 -2.64 13.31
CA ARG A 163 -9.80 -1.91 14.48
C ARG A 163 -9.66 -0.42 14.26
N LEU A 164 -10.73 0.32 14.50
CA LEU A 164 -10.67 1.78 14.33
C LEU A 164 -9.71 2.47 15.29
N LEU A 165 -8.81 3.28 14.75
CA LEU A 165 -7.89 4.09 15.53
C LEU A 165 -8.47 5.46 15.82
N GLY A 166 -9.10 6.06 14.80
CA GLY A 166 -9.66 7.38 14.94
C GLY A 166 -9.91 8.02 13.59
N LEU A 167 -10.02 9.34 13.57
CA LEU A 167 -10.43 10.09 12.39
C LEU A 167 -9.31 11.00 11.92
N HIS A 168 -9.15 11.15 10.62
CA HIS A 168 -8.19 12.12 10.14
C HIS A 168 -8.65 13.53 10.58
N CYS A 169 -7.73 14.36 11.04
CA CYS A 169 -8.14 15.60 11.71
C CYS A 169 -7.58 16.88 11.12
N ALA A 170 -6.33 16.85 10.69
CA ALA A 170 -5.64 18.06 10.25
C ALA A 170 -4.28 17.70 9.70
N GLY A 171 -3.54 18.72 9.28
CA GLY A 171 -2.21 18.53 8.77
C GLY A 171 -1.51 19.85 8.54
N SER A 172 -0.32 19.79 7.98
CA SER A 172 0.51 20.97 7.73
C SER A 172 1.44 20.67 6.57
N ASP A 173 1.91 21.72 5.89
CA ASP A 173 2.80 21.56 4.75
C ASP A 173 4.18 21.10 5.18
N ASP A 174 4.60 21.56 6.36
CA ASP A 174 5.90 21.19 6.91
C ASP A 174 5.88 21.30 8.43
N VAL A 175 6.77 20.57 9.09
CA VAL A 175 6.89 20.63 10.54
C VAL A 175 8.28 21.13 10.92
N VAL A 176 8.49 21.46 12.18
CA VAL A 176 9.84 21.70 12.67
C VAL A 176 10.23 20.59 13.65
N PHE A 177 11.53 20.30 13.72
CA PHE A 177 12.01 19.18 14.51
C PHE A 177 12.87 19.66 15.65
N MSE A 178 12.72 19.04 16.81
CA MSE A 178 13.63 19.22 17.94
C MSE A 178 13.41 18.13 18.96
O MSE A 178 12.43 17.39 18.87
CB MSE A 178 13.43 20.59 18.61
CG MSE A 178 12.13 20.68 19.41
SE MSE A 178 11.89 22.51 20.09
CE MSE A 178 11.76 23.42 18.37
N ASP A 179 14.31 18.00 19.93
CA ASP A 179 14.05 17.12 21.06
C ASP A 179 13.04 17.82 21.98
N THR A 180 11.77 17.48 21.82
CA THR A 180 10.73 18.16 22.60
C THR A 180 10.74 17.78 24.07
N THR A 181 11.56 16.80 24.42
CA THR A 181 11.67 16.39 25.81
C THR A 181 12.69 17.25 26.55
N THR A 182 13.44 18.06 25.80
CA THR A 182 14.47 18.91 26.38
C THR A 182 14.36 20.34 25.86
N GLY A 183 13.62 20.52 24.77
CA GLY A 183 13.50 21.83 24.15
C GLY A 183 14.72 22.20 23.32
N LYS A 184 15.65 21.27 23.17
CA LYS A 184 16.89 21.50 22.43
C LYS A 184 16.78 21.02 20.99
N SER A 185 17.48 21.68 20.08
CA SER A 185 17.52 21.20 18.71
C SER A 185 18.22 19.83 18.68
N ASN A 186 17.83 18.98 17.74
CA ASN A 186 18.51 17.69 17.57
C ASN A 186 18.97 17.51 16.13
N ILE A 187 19.32 16.29 15.75
CA ILE A 187 19.90 16.09 14.42
C ILE A 187 18.90 16.41 13.30
N TRP A 188 17.60 16.34 13.61
CA TRP A 188 16.56 16.56 12.61
C TRP A 188 16.16 18.02 12.43
N THR A 189 16.56 18.86 13.37
CA THR A 189 16.26 20.28 13.29
C THR A 189 16.71 20.85 11.94
N SER A 190 17.81 20.29 11.41
CA SER A 190 18.30 20.65 10.07
C SER A 190 17.47 20.04 8.93
N HIS A 195 8.69 17.69 5.02
CA HIS A 195 7.96 16.68 5.80
C HIS A 195 6.62 17.20 6.34
N PRO A 196 5.54 17.04 5.55
CA PRO A 196 4.21 17.47 5.98
C PRO A 196 3.73 16.66 7.19
N SER A 197 2.75 17.18 7.93
CA SER A 197 2.15 16.39 8.98
C SER A 197 0.73 15.99 8.59
N GLU A 198 0.33 14.80 9.01
CA GLU A 198 -1.05 14.35 8.93
C GLU A 198 -1.38 13.83 10.32
N ILE A 199 -2.52 14.27 10.85
CA ILE A 199 -2.81 14.13 12.26
C ILE A 199 -4.18 13.50 12.48
N MSE A 200 -4.27 12.60 13.47
N MSE A 200 -4.30 12.57 13.44
CA MSE A 200 -5.52 11.92 13.79
CA MSE A 200 -5.59 11.98 13.73
C MSE A 200 -6.12 12.37 15.13
C MSE A 200 -6.12 12.39 15.10
O MSE A 200 -5.39 12.78 16.05
O MSE A 200 -5.37 12.75 16.01
CB MSE A 200 -5.28 10.41 13.82
CB MSE A 200 -5.53 10.46 13.63
CG MSE A 200 -6.51 9.58 14.11
CG MSE A 200 -4.93 9.77 14.84
SE MSE A 200 -6.04 7.74 14.45
SE MSE A 200 -5.65 7.94 15.10
CE MSE A 200 -5.16 7.92 16.21
CE MSE A 200 -4.72 7.47 16.73
N ILE A 201 -7.44 12.30 15.25
CA ILE A 201 -8.09 12.52 16.51
C ILE A 201 -8.87 11.25 16.88
N THR A 202 -8.81 10.85 18.13
CA THR A 202 -9.60 9.69 18.56
C THR A 202 -11.04 10.10 18.83
N LEU A 203 -11.93 9.13 18.94
CA LEU A 203 -13.33 9.41 19.22
C LEU A 203 -13.54 10.03 20.61
N ASN A 204 -12.52 9.95 21.45
CA ASN A 204 -12.56 10.63 22.75
C ASN A 204 -11.84 11.98 22.73
N ASN A 205 -11.70 12.55 21.52
CA ASN A 205 -11.09 13.88 21.31
C ASN A 205 -9.60 13.96 21.66
N GLU A 206 -8.90 12.83 21.62
CA GLU A 206 -7.47 12.88 21.89
C GLU A 206 -6.70 13.14 20.60
N ILE A 207 -5.81 14.14 20.66
CA ILE A 207 -4.92 14.47 19.56
C ILE A 207 -3.53 14.55 20.17
N ASN A 208 -2.54 13.97 19.51
CA ASN A 208 -1.20 13.95 20.09
C ASN A 208 -0.49 15.24 19.68
N LEU A 209 -1.07 16.37 20.09
CA LEU A 209 -0.50 17.71 19.95
C LEU A 209 -0.77 18.52 21.21
N PRO A 210 0.16 19.43 21.56
CA PRO A 210 -0.14 20.36 22.66
C PRO A 210 -1.25 21.35 22.34
N ASN A 211 -2.08 21.67 23.33
CA ASN A 211 -3.13 22.70 23.20
C ASN A 211 -3.91 22.63 21.87
N PRO A 212 -4.48 21.46 21.57
CA PRO A 212 -4.98 21.24 20.20
C PRO A 212 -6.17 22.14 19.83
N ALA A 213 -6.96 22.59 20.79
CA ALA A 213 -8.02 23.54 20.49
C ALA A 213 -7.38 24.81 19.92
N LYS A 221 2.66 26.30 14.37
CA LYS A 221 3.58 25.35 13.72
C LYS A 221 3.65 24.04 14.49
N VAL A 222 3.71 22.94 13.76
CA VAL A 222 3.76 21.62 14.39
C VAL A 222 5.20 21.22 14.70
N VAL A 223 5.43 20.77 15.93
CA VAL A 223 6.78 20.35 16.32
C VAL A 223 6.84 18.83 16.49
N TYR A 224 7.70 18.19 15.69
CA TYR A 224 7.95 16.74 15.77
C TYR A 224 9.33 16.49 16.40
N GLN A 225 9.51 15.36 17.07
CA GLN A 225 10.83 15.05 17.60
C GLN A 225 11.71 14.40 16.52
N HIS A 226 11.08 13.74 15.56
CA HIS A 226 11.79 13.03 14.51
C HIS A 226 10.80 12.64 13.42
N PRO A 227 11.30 12.25 12.23
CA PRO A 227 10.39 11.76 11.18
C PRO A 227 9.61 10.54 11.69
N LEU A 228 8.49 10.22 11.05
CA LEU A 228 7.70 9.05 11.41
C LEU A 228 8.56 7.80 11.42
N ARG A 229 8.51 7.04 12.51
CA ARG A 229 9.40 5.89 12.63
C ARG A 229 8.85 4.82 13.57
N ASN A 230 9.26 3.60 13.30
CA ASN A 230 9.02 2.46 14.19
C ASN A 230 10.31 2.14 14.92
N VAL A 231 10.23 1.93 16.23
CA VAL A 231 11.46 1.78 17.01
C VAL A 231 12.32 0.62 16.50
N CYS A 232 11.72 -0.55 16.34
CA CYS A 232 12.48 -1.72 15.88
C CYS A 232 13.05 -1.50 14.47
N ALA A 233 12.25 -0.94 13.57
CA ALA A 233 12.68 -0.70 12.17
C ALA A 233 13.86 0.27 12.12
N THR A 234 13.83 1.28 12.98
CA THR A 234 14.90 2.28 13.04
C THR A 234 16.21 1.66 13.50
N LEU A 235 16.12 0.83 14.54
CA LEU A 235 17.30 0.17 15.09
C LEU A 235 17.90 -0.76 14.06
N GLU A 236 17.03 -1.50 13.36
CA GLU A 236 17.48 -2.41 12.30
C GLU A 236 18.22 -1.63 11.21
N THR A 237 17.65 -0.49 10.83
CA THR A 237 18.19 0.34 9.78
C THR A 237 19.55 0.94 10.16
N LEU A 238 19.62 1.51 11.36
CA LEU A 238 20.85 2.14 11.84
C LEU A 238 21.99 1.13 12.03
N GLN A 239 21.64 -0.08 12.45
CA GLN A 239 22.63 -1.14 12.61
C GLN A 239 23.21 -1.54 11.26
N HIS A 240 22.33 -1.66 10.27
CA HIS A 240 22.77 -1.98 8.92
C HIS A 240 23.72 -0.91 8.37
N LEU A 241 23.41 0.36 8.60
CA LEU A 241 24.23 1.45 8.10
C LEU A 241 25.57 1.57 8.81
N THR A 242 25.58 1.33 10.12
CA THR A 242 26.74 1.71 10.94
C THR A 242 27.58 0.55 11.48
N ASN A 243 27.05 -0.67 11.40
CA ASN A 243 27.63 -1.81 12.13
C ASN A 243 27.19 -3.12 11.50
N LYS A 244 27.72 -3.41 10.30
CA LYS A 244 27.16 -4.48 9.47
C LYS A 244 27.26 -5.89 10.08
N THR A 245 28.26 -6.12 10.93
CA THR A 245 28.40 -7.42 11.58
C THR A 245 27.58 -7.54 12.86
N ASN A 246 26.95 -6.44 13.25
CA ASN A 246 26.18 -6.37 14.49
C ASN A 246 26.99 -6.74 15.72
N ALA A 247 28.26 -6.35 15.71
CA ALA A 247 29.08 -6.48 16.91
C ALA A 247 28.47 -5.67 18.05
N LYS A 248 28.61 -6.17 19.28
CA LYS A 248 28.05 -5.50 20.43
C LYS A 248 28.67 -4.11 20.59
N LEU A 249 27.82 -3.10 20.69
CA LEU A 249 28.26 -1.74 20.93
C LEU A 249 27.35 -1.09 21.96
N PRO A 250 27.92 -0.23 22.80
CA PRO A 250 27.11 0.40 23.84
C PRO A 250 26.05 1.35 23.28
N TYR A 251 24.97 1.52 24.04
CA TYR A 251 23.90 2.46 23.74
C TYR A 251 24.42 3.89 23.68
N ASP A 252 23.95 4.66 22.72
CA ASP A 252 24.32 6.07 22.63
C ASP A 252 23.12 6.92 23.03
N SER A 253 23.27 7.81 24.01
CA SER A 253 22.11 8.55 24.51
C SER A 253 21.48 9.46 23.44
N ARG A 254 22.20 9.71 22.35
CA ARG A 254 21.61 10.51 21.27
C ARG A 254 20.51 9.72 20.54
N LEU A 255 20.47 8.41 20.73
CA LEU A 255 19.31 7.66 20.21
C LEU A 255 18.04 8.16 20.87
N LEU A 256 18.18 8.63 22.10
CA LEU A 256 17.01 9.16 22.82
C LEU A 256 16.63 10.54 22.27
N SER A 257 17.61 11.43 22.15
CA SER A 257 17.28 12.78 21.71
C SER A 257 16.96 12.88 20.21
N ASP A 258 17.56 12.01 19.39
CA ASP A 258 17.35 12.07 17.94
C ASP A 258 16.19 11.20 17.45
N PHE A 259 15.93 10.09 18.12
CA PHE A 259 14.92 9.12 17.67
C PHE A 259 13.92 8.69 18.74
N ASN A 260 14.05 9.27 19.93
CA ASN A 260 13.26 8.84 21.09
C ASN A 260 13.26 7.32 21.25
N ILE A 261 14.46 6.75 21.25
CA ILE A 261 14.66 5.33 21.48
C ILE A 261 15.46 5.17 22.78
N THR A 262 14.92 4.41 23.71
CA THR A 262 15.50 4.30 25.05
C THR A 262 16.56 3.22 25.11
N ALA A 263 17.37 3.26 26.18
CA ALA A 263 18.40 2.25 26.38
C ALA A 263 17.77 0.88 26.49
N GLU A 264 16.62 0.82 27.15
CA GLU A 264 15.88 -0.42 27.32
C GLU A 264 15.45 -1.00 25.96
N GLN A 265 14.90 -0.17 25.09
CA GLN A 265 14.49 -0.66 23.77
C GLN A 265 15.70 -1.16 22.97
N TYR A 266 16.81 -0.42 23.06
CA TYR A 266 18.04 -0.78 22.36
C TYR A 266 18.53 -2.17 22.75
N ASN A 267 18.61 -2.43 24.05
CA ASN A 267 19.02 -3.75 24.52
C ASN A 267 17.99 -4.82 24.14
N GLN A 268 16.71 -4.46 24.18
CA GLN A 268 15.65 -5.42 23.90
C GLN A 268 15.72 -5.99 22.47
N TYR A 269 15.90 -5.13 21.48
CA TYR A 269 15.80 -5.57 20.09
C TYR A 269 17.09 -6.14 19.50
N GLY A 270 18.21 -5.93 20.18
CA GLY A 270 19.48 -6.54 19.80
C GLY A 270 20.14 -6.06 18.51
N TYR A 271 19.81 -4.85 18.07
CA TYR A 271 20.49 -4.22 16.94
C TYR A 271 21.47 -3.17 17.44
N TYR A 272 22.76 -3.48 17.36
CA TYR A 272 23.75 -2.57 17.93
C TYR A 272 24.25 -1.55 16.90
N ILE A 273 24.48 -0.34 17.38
CA ILE A 273 24.71 0.80 16.50
C ILE A 273 25.97 1.57 16.84
N ASP A 274 26.77 1.88 15.82
CA ASP A 274 27.84 2.88 15.98
C ASP A 274 27.28 4.26 15.64
N TYR A 275 26.78 4.98 16.63
CA TYR A 275 25.98 6.17 16.37
C TYR A 275 26.85 7.32 15.83
N ASN A 276 28.12 7.40 16.26
CA ASN A 276 29.04 8.39 15.70
C ASN A 276 29.15 8.24 14.18
N ASN A 277 29.14 7.00 13.71
CA ASN A 277 29.22 6.78 12.28
C ASN A 277 27.99 7.32 11.58
N PHE A 278 26.83 7.21 12.23
CA PHE A 278 25.60 7.78 11.68
C PHE A 278 25.70 9.30 11.63
N VAL A 279 26.10 9.93 12.72
CA VAL A 279 26.25 11.38 12.76
C VAL A 279 27.25 11.88 11.70
N ASN A 280 28.38 11.21 11.58
CA ASN A 280 29.44 11.68 10.69
C ASN A 280 29.11 11.46 9.22
N ASN A 281 28.08 10.65 8.96
CA ASN A 281 27.65 10.41 7.58
C ASN A 281 26.16 10.71 7.42
N PHE A 282 25.65 11.60 8.26
CA PHE A 282 24.21 11.88 8.31
C PHE A 282 23.62 12.26 6.95
N ASN A 283 24.26 13.19 6.26
CA ASN A 283 23.72 13.62 4.97
C ASN A 283 23.63 12.48 3.95
N ARG A 284 24.70 11.70 3.82
CA ARG A 284 24.71 10.59 2.87
C ARG A 284 23.68 9.53 3.23
N TYR A 285 23.61 9.18 4.52
CA TYR A 285 22.71 8.12 4.98
C TYR A 285 21.24 8.50 4.84
N THR A 286 20.93 9.79 4.92
CA THR A 286 19.54 10.23 4.83
C THR A 286 19.13 10.70 3.44
N THR A 287 20.05 10.70 2.49
CA THR A 287 19.70 11.07 1.12
C THR A 287 19.97 9.97 0.11
N THR A 288 20.59 8.88 0.54
CA THR A 288 20.85 7.76 -0.36
C THR A 288 20.07 6.54 0.12
N THR A 289 19.66 5.69 -0.82
CA THR A 289 18.83 4.53 -0.53
C THR A 289 19.60 3.33 0.01
N ILE A 290 18.89 2.46 0.71
CA ILE A 290 19.44 1.19 1.17
C ILE A 290 18.83 0.16 0.24
N GLY A 291 19.62 -0.38 -0.67
CA GLY A 291 19.04 -1.02 -1.84
C GLY A 291 18.33 0.10 -2.60
N THR A 292 17.01 -0.02 -2.74
CA THR A 292 16.21 1.01 -3.39
C THR A 292 15.21 1.62 -2.42
N LYS A 293 15.37 1.31 -1.13
CA LYS A 293 14.47 1.86 -0.13
C LYS A 293 15.01 3.19 0.39
N SER A 294 14.15 4.20 0.48
CA SER A 294 14.54 5.46 1.10
C SER A 294 14.77 5.24 2.59
N PHE A 295 15.60 6.08 3.19
CA PHE A 295 15.84 6.03 4.63
C PHE A 295 14.52 6.17 5.39
N GLU A 296 13.64 7.07 4.94
CA GLU A 296 12.38 7.32 5.66
C GLU A 296 11.45 6.13 5.61
N THR A 297 11.52 5.37 4.52
CA THR A 297 10.77 4.12 4.38
C THR A 297 11.36 3.04 5.30
N CYS A 298 12.69 2.93 5.31
CA CYS A 298 13.34 1.94 6.17
C CYS A 298 13.02 2.10 7.65
N ILE A 299 12.97 3.34 8.14
CA ILE A 299 12.77 3.50 9.57
C ILE A 299 11.31 3.33 9.96
N LYS A 300 10.42 3.30 8.96
CA LYS A 300 9.00 2.94 9.20
C LYS A 300 8.79 1.44 9.17
N TYR A 301 9.26 0.81 8.10
CA TYR A 301 8.87 -0.56 7.79
C TYR A 301 9.98 -1.61 7.98
N GLY A 302 11.21 -1.15 8.16
CA GLY A 302 12.34 -2.07 8.26
C GLY A 302 12.99 -2.33 6.91
N LEU A 303 13.99 -3.20 6.89
CA LEU A 303 14.77 -3.42 5.68
C LEU A 303 14.12 -4.40 4.70
N MSE A 304 13.02 -5.04 5.10
CA MSE A 304 12.28 -5.93 4.22
C MSE A 304 13.16 -7.00 3.56
O MSE A 304 13.10 -7.20 2.36
CB MSE A 304 11.55 -5.14 3.12
CG MSE A 304 10.70 -3.97 3.62
SE MSE A 304 9.97 -2.89 2.14
CE MSE A 304 9.98 -1.17 3.01
N ASP A 305 14.02 -7.65 4.36
CA ASP A 305 14.88 -8.68 3.81
C ASP A 305 14.03 -9.83 3.28
N ASN A 306 14.55 -10.58 2.31
CA ASN A 306 13.82 -11.70 1.76
C ASN A 306 13.57 -12.75 2.85
N LYS A 307 12.32 -13.17 3.00
CA LYS A 307 11.93 -14.07 4.07
C LYS A 307 12.67 -15.41 4.00
N LYS A 308 13.21 -15.83 5.14
CA LYS A 308 13.83 -17.14 5.24
C LYS A 308 12.74 -18.21 5.39
N PRO A 309 13.01 -19.44 4.92
CA PRO A 309 12.06 -20.54 5.13
C PRO A 309 11.72 -20.68 6.61
N ASP A 310 10.45 -20.94 6.92
CA ASP A 310 9.98 -20.94 8.31
C ASP A 310 10.77 -21.91 9.20
N TYR A 311 11.30 -22.97 8.61
CA TYR A 311 12.02 -23.98 9.37
C TYR A 311 13.46 -23.53 9.69
N TYR A 312 13.96 -22.54 8.95
CA TYR A 312 15.33 -22.05 9.13
C TYR A 312 15.41 -20.98 10.24
N ASN A 313 14.27 -20.36 10.54
CA ASN A 313 14.21 -19.35 11.60
C ASN A 313 14.12 -20.01 12.98
N GLN A 314 14.60 -19.30 14.00
CA GLN A 314 14.31 -19.68 15.38
C GLN A 314 14.18 -18.44 16.26
N SER B 1 6.86 10.34 5.18
CA SER B 1 5.86 11.39 5.33
C SER B 1 4.91 11.32 4.15
N ALA B 2 3.86 12.14 4.18
CA ALA B 2 2.90 12.16 3.08
C ALA B 2 3.53 12.63 1.76
N ALA B 3 4.68 13.30 1.85
CA ALA B 3 5.37 13.80 0.66
C ALA B 3 5.86 12.66 -0.22
N SER B 4 6.07 11.48 0.38
CA SER B 4 6.60 10.35 -0.38
C SER B 4 5.67 9.13 -0.40
N ASN B 5 4.50 9.22 0.23
CA ASN B 5 3.49 8.15 0.15
C ASN B 5 2.48 8.44 -0.97
N PRO B 6 2.49 7.62 -2.04
CA PRO B 6 1.60 7.85 -3.18
C PRO B 6 0.11 7.87 -2.77
N SER B 7 -0.21 7.16 -1.67
CA SER B 7 -1.54 7.28 -1.07
C SER B 7 -2.65 7.03 -2.08
N ILE B 8 -2.49 5.99 -2.91
CA ILE B 8 -3.44 5.70 -3.97
C ILE B 8 -4.80 5.32 -3.41
N SER B 9 -5.83 5.87 -4.02
CA SER B 9 -7.21 5.54 -3.71
C SER B 9 -7.66 4.26 -4.42
N HIS B 10 -7.95 3.20 -3.67
CA HIS B 10 -8.52 1.97 -4.23
C HIS B 10 -9.96 1.79 -3.78
N ILE B 11 -10.84 1.44 -4.71
CA ILE B 11 -12.22 1.21 -4.35
C ILE B 11 -12.31 -0.07 -3.51
N VAL B 12 -13.03 0.02 -2.40
CA VAL B 12 -13.20 -1.12 -1.52
C VAL B 12 -14.10 -2.16 -2.15
N LEU B 13 -13.60 -3.38 -2.27
CA LEU B 13 -14.35 -4.48 -2.85
C LEU B 13 -15.02 -5.31 -1.75
N GLU B 14 -16.27 -5.69 -1.99
CA GLU B 14 -16.98 -6.52 -1.03
C GLU B 14 -17.00 -7.95 -1.55
N MSE B 15 -16.04 -8.74 -1.10
CA MSE B 15 -15.95 -10.12 -1.50
C MSE B 15 -15.75 -10.98 -0.28
O MSE B 15 -15.08 -10.57 0.67
CB MSE B 15 -14.79 -10.35 -2.48
CG MSE B 15 -14.87 -9.53 -3.75
SE MSE B 15 -13.22 -9.73 -4.82
CE MSE B 15 -11.93 -8.76 -3.71
N PRO B 16 -16.33 -12.18 -0.30
CA PRO B 16 -16.18 -13.10 0.84
C PRO B 16 -14.83 -13.80 0.76
N VAL B 17 -14.29 -14.20 1.90
CA VAL B 17 -12.99 -14.86 1.90
C VAL B 17 -13.05 -16.17 1.09
N ALA B 18 -14.25 -16.74 0.96
CA ALA B 18 -14.46 -17.96 0.17
C ALA B 18 -14.11 -17.80 -1.34
N ILE B 19 -13.93 -16.56 -1.80
CA ILE B 19 -13.57 -16.31 -3.19
C ILE B 19 -12.12 -16.73 -3.51
N ASN B 20 -11.34 -16.92 -2.46
CA ASN B 20 -9.91 -17.21 -2.63
C ASN B 20 -9.45 -18.32 -1.69
N PRO B 21 -10.06 -19.53 -1.80
CA PRO B 21 -9.77 -20.60 -0.84
C PRO B 21 -8.37 -21.19 -0.96
N LEU B 22 -7.77 -21.52 0.19
CA LEU B 22 -6.50 -22.24 0.21
C LEU B 22 -6.76 -23.71 -0.10
N ILE B 23 -6.13 -24.22 -1.16
CA ILE B 23 -6.29 -25.61 -1.54
C ILE B 23 -5.03 -26.38 -1.16
N LYS B 24 -5.18 -27.52 -0.50
CA LYS B 24 -4.04 -28.29 -0.04
C LYS B 24 -4.01 -29.67 -0.70
N TYR B 25 -2.94 -29.95 -1.42
CA TYR B 25 -2.75 -31.28 -1.99
C TYR B 25 -1.81 -32.07 -1.10
N THR B 26 -2.33 -33.14 -0.51
CA THR B 26 -1.57 -33.90 0.49
C THR B 26 -1.41 -35.36 0.10
N VAL B 31 2.74 -32.39 1.54
CA VAL B 31 1.65 -31.44 1.35
C VAL B 31 2.11 -30.17 0.60
N SER B 32 1.35 -29.80 -0.42
CA SER B 32 1.57 -28.58 -1.19
C SER B 32 0.30 -27.74 -1.18
N SER B 33 0.42 -26.42 -1.27
CA SER B 33 -0.78 -25.57 -1.22
C SER B 33 -0.63 -24.27 -2.01
N LEU B 34 -1.76 -23.77 -2.50
CA LEU B 34 -1.85 -22.42 -3.05
C LEU B 34 -3.30 -21.97 -3.02
N ARG B 35 -3.58 -20.76 -3.48
CA ARG B 35 -4.94 -20.25 -3.43
C ARG B 35 -5.66 -20.60 -4.72
N GLY B 36 -6.93 -20.97 -4.63
CA GLY B 36 -7.75 -21.05 -5.82
C GLY B 36 -8.45 -19.70 -5.96
N ALA B 37 -8.92 -19.38 -7.16
CA ALA B 37 -9.66 -18.13 -7.36
C ALA B 37 -11.04 -18.43 -7.94
N VAL B 38 -12.06 -18.06 -7.20
CA VAL B 38 -13.43 -18.28 -7.65
C VAL B 38 -13.94 -17.07 -8.42
N VAL B 39 -13.99 -17.20 -9.74
CA VAL B 39 -14.32 -16.08 -10.61
C VAL B 39 -15.52 -16.43 -11.48
N ASN B 40 -16.64 -15.77 -11.21
CA ASN B 40 -17.84 -15.87 -12.07
C ASN B 40 -18.24 -17.29 -12.43
N GLY B 41 -18.39 -18.14 -11.42
CA GLY B 41 -18.97 -19.46 -11.60
C GLY B 41 -17.98 -20.61 -11.69
N TYR B 42 -16.70 -20.28 -11.68
CA TYR B 42 -15.67 -21.30 -11.76
C TYR B 42 -14.56 -20.98 -10.78
N ILE B 43 -13.92 -22.02 -10.26
CA ILE B 43 -12.70 -21.83 -9.49
C ILE B 43 -11.52 -22.19 -10.40
N TYR B 44 -10.49 -21.36 -10.33
CA TYR B 44 -9.30 -21.53 -11.13
C TYR B 44 -8.15 -21.87 -10.21
N ILE B 45 -7.49 -22.99 -10.50
CA ILE B 45 -6.40 -23.47 -9.66
C ILE B 45 -5.18 -23.64 -10.55
N GLN B 46 -4.07 -23.01 -10.16
CA GLN B 46 -2.88 -23.14 -11.00
C GLN B 46 -2.38 -24.57 -10.88
N ARG B 47 -2.04 -25.15 -12.03
CA ARG B 47 -1.75 -26.59 -12.10
C ARG B 47 -0.55 -27.01 -11.25
N HIS B 48 0.39 -26.10 -11.00
CA HIS B 48 1.64 -26.50 -10.37
C HIS B 48 1.41 -26.82 -8.89
N LEU B 49 0.17 -26.69 -8.43
CA LEU B 49 -0.23 -27.28 -7.14
C LEU B 49 0.21 -28.73 -7.10
N PHE B 50 0.13 -29.39 -8.24
CA PHE B 50 0.50 -30.80 -8.33
C PHE B 50 1.94 -31.04 -8.76
N GLY B 51 2.70 -29.97 -8.95
CA GLY B 51 4.12 -30.11 -9.25
C GLY B 51 4.65 -29.06 -10.21
N SER B 52 5.93 -28.72 -10.08
CA SER B 52 6.53 -27.70 -10.94
C SER B 52 7.47 -28.33 -11.96
N LYS B 53 7.35 -29.63 -12.11
CA LYS B 53 8.01 -30.34 -13.20
C LYS B 53 6.96 -31.14 -13.94
N LYS B 54 7.05 -31.17 -15.26
CA LYS B 54 5.98 -31.69 -16.11
C LYS B 54 5.57 -33.13 -15.78
N GLN B 55 6.55 -34.02 -15.64
CA GLN B 55 6.25 -35.43 -15.40
C GLN B 55 5.63 -35.63 -14.01
N GLU B 56 6.12 -34.87 -13.03
CA GLU B 56 5.57 -34.94 -11.69
C GLU B 56 4.12 -34.44 -11.69
N PHE B 57 3.85 -33.41 -12.50
CA PHE B 57 2.50 -32.84 -12.56
C PHE B 57 1.50 -33.85 -13.11
N GLU B 58 1.84 -34.46 -14.23
CA GLU B 58 0.91 -35.36 -14.90
C GLU B 58 0.56 -36.56 -14.00
N ALA B 59 1.57 -37.10 -13.33
CA ALA B 59 1.37 -38.25 -12.45
C ALA B 59 0.50 -37.92 -11.24
N CYS B 60 0.70 -36.74 -10.66
CA CYS B 60 -0.04 -36.35 -9.48
C CYS B 60 -1.45 -35.82 -9.82
N TYR B 61 -1.56 -35.02 -10.87
CA TYR B 61 -2.86 -34.53 -11.29
C TYR B 61 -3.71 -35.69 -11.81
N ASN B 62 -3.06 -36.60 -12.54
CA ASN B 62 -3.69 -37.84 -13.00
C ASN B 62 -5.01 -37.59 -13.73
N ASN B 63 -4.97 -36.71 -14.73
CA ASN B 63 -6.15 -36.35 -15.50
C ASN B 63 -7.33 -35.96 -14.63
N GLY B 64 -7.05 -35.30 -13.51
CA GLY B 64 -8.10 -34.88 -12.61
C GLY B 64 -8.32 -35.78 -11.41
N LYS B 65 -7.75 -36.98 -11.44
CA LYS B 65 -7.96 -37.93 -10.34
C LYS B 65 -7.32 -37.40 -9.07
N GLY B 66 -6.24 -36.63 -9.23
CA GLY B 66 -5.57 -36.02 -8.09
C GLY B 66 -6.40 -35.02 -7.30
N LEU B 67 -7.50 -34.54 -7.89
CA LEU B 67 -8.35 -33.56 -7.22
C LEU B 67 -9.02 -34.18 -6.00
N LEU B 68 -9.10 -35.50 -6.01
CA LEU B 68 -9.69 -36.25 -4.90
C LEU B 68 -8.81 -36.20 -3.66
N ASN B 69 -7.54 -35.86 -3.84
CA ASN B 69 -6.59 -35.80 -2.73
C ASN B 69 -6.37 -34.38 -2.21
N CYS B 70 -7.27 -33.46 -2.56
CA CYS B 70 -7.13 -32.05 -2.18
C CYS B 70 -8.09 -31.61 -1.07
N LYS B 71 -7.53 -31.01 -0.02
CA LYS B 71 -8.35 -30.46 1.05
C LYS B 71 -8.90 -29.09 0.65
N ASN B 72 -10.06 -28.75 1.22
CA ASN B 72 -10.79 -27.51 0.92
C ASN B 72 -11.30 -27.47 -0.52
N LEU B 73 -11.48 -28.65 -1.11
CA LEU B 73 -12.06 -28.78 -2.44
C LEU B 73 -13.20 -29.80 -2.40
N GLU B 74 -14.14 -29.57 -1.49
CA GLU B 74 -15.21 -30.54 -1.21
C GLU B 74 -16.11 -30.74 -2.43
N ARG B 75 -16.52 -31.98 -2.68
CA ARG B 75 -17.35 -32.33 -3.82
C ARG B 75 -18.73 -31.64 -3.78
N SER B 76 -19.13 -31.21 -2.59
CA SER B 76 -20.40 -30.51 -2.43
C SER B 76 -20.33 -29.07 -2.95
N LYS B 77 -19.13 -28.52 -3.04
CA LYS B 77 -18.92 -27.15 -3.52
C LYS B 77 -18.59 -27.10 -5.01
N TYR B 78 -17.78 -28.04 -5.45
CA TYR B 78 -17.23 -28.00 -6.80
C TYR B 78 -17.56 -29.26 -7.59
N ASP B 79 -17.88 -29.07 -8.87
CA ASP B 79 -18.15 -30.17 -9.78
C ASP B 79 -16.86 -30.80 -10.26
N ILE B 80 -16.18 -31.53 -9.37
CA ILE B 80 -14.86 -32.10 -9.63
C ILE B 80 -14.85 -32.97 -10.90
N ASP B 81 -15.94 -33.67 -11.16
CA ASP B 81 -16.04 -34.56 -12.31
C ASP B 81 -15.99 -33.77 -13.62
N SER B 82 -16.32 -32.47 -13.56
CA SER B 82 -16.32 -31.62 -14.74
C SER B 82 -15.09 -30.70 -14.82
N ALA B 83 -14.07 -31.00 -14.04
CA ALA B 83 -12.85 -30.19 -14.02
C ALA B 83 -12.10 -30.28 -15.34
N GLU B 84 -11.60 -29.15 -15.82
CA GLU B 84 -10.89 -29.11 -17.10
C GLU B 84 -9.50 -28.51 -16.96
N LEU B 85 -8.50 -29.18 -17.52
CA LEU B 85 -7.17 -28.57 -17.58
C LEU B 85 -7.22 -27.58 -18.74
N ILE B 86 -7.20 -26.30 -18.40
CA ILE B 86 -7.27 -25.23 -19.38
C ILE B 86 -5.93 -24.51 -19.37
N GLY B 87 -5.01 -25.01 -20.19
CA GLY B 87 -3.64 -24.53 -20.24
C GLY B 87 -2.89 -24.83 -18.96
N THR B 88 -2.45 -23.78 -18.26
CA THR B 88 -1.76 -23.94 -16.99
C THR B 88 -2.76 -23.80 -15.83
N LEU B 89 -4.01 -23.51 -16.17
CA LEU B 89 -5.07 -23.41 -15.17
C LEU B 89 -5.96 -24.66 -15.15
N ILE B 90 -6.31 -25.10 -13.95
CA ILE B 90 -7.36 -26.09 -13.81
C ILE B 90 -8.62 -25.31 -13.46
N ARG B 91 -9.66 -25.49 -14.26
CA ARG B 91 -10.92 -24.76 -14.05
C ARG B 91 -12.04 -25.73 -13.71
N ILE B 92 -12.69 -25.48 -12.59
CA ILE B 92 -13.77 -26.34 -12.14
C ILE B 92 -15.03 -25.53 -11.88
N PRO B 93 -16.16 -25.93 -12.49
CA PRO B 93 -17.42 -25.21 -12.24
C PRO B 93 -17.85 -25.33 -10.79
N LEU B 94 -18.41 -24.25 -10.22
CA LEU B 94 -19.05 -24.34 -8.92
C LEU B 94 -20.43 -24.98 -9.10
N HIS B 95 -20.86 -25.76 -8.12
CA HIS B 95 -22.21 -26.29 -8.16
C HIS B 95 -23.19 -25.15 -8.01
N ASP B 96 -22.91 -24.24 -7.09
CA ASP B 96 -23.78 -23.11 -6.86
C ASP B 96 -23.28 -21.85 -7.52
N LYS B 97 -23.83 -21.56 -8.70
CA LYS B 97 -23.51 -20.33 -9.38
C LYS B 97 -24.06 -19.22 -8.51
N HIS B 98 -23.31 -18.12 -8.42
CA HIS B 98 -23.71 -16.93 -7.69
C HIS B 98 -23.82 -17.15 -6.18
N SER B 99 -23.27 -18.26 -5.69
CA SER B 99 -23.08 -18.43 -4.25
C SER B 99 -21.98 -17.46 -3.81
N ILE B 100 -21.01 -17.30 -4.70
CA ILE B 100 -19.97 -16.30 -4.57
C ILE B 100 -20.29 -15.21 -5.56
N PRO B 101 -20.32 -13.95 -5.11
CA PRO B 101 -20.69 -12.84 -5.99
C PRO B 101 -19.76 -12.71 -7.19
N HIS B 102 -20.31 -12.37 -8.35
CA HIS B 102 -19.50 -12.20 -9.54
C HIS B 102 -18.72 -10.89 -9.46
N ILE B 103 -17.66 -10.77 -10.27
CA ILE B 103 -16.81 -9.60 -10.19
C ILE B 103 -16.55 -9.07 -11.58
N SER B 104 -16.20 -7.79 -11.65
CA SER B 104 -15.91 -7.15 -12.92
C SER B 104 -14.54 -7.60 -13.43
N ILE B 105 -14.42 -7.78 -14.74
CA ILE B 105 -13.19 -8.25 -15.35
C ILE B 105 -12.60 -7.19 -16.25
N HIS B 106 -11.32 -6.86 -16.05
CA HIS B 106 -10.66 -5.90 -16.91
C HIS B 106 -10.58 -6.43 -18.34
N PRO B 107 -10.97 -5.60 -19.32
CA PRO B 107 -11.07 -6.01 -20.73
C PRO B 107 -9.72 -6.26 -21.41
N ASP B 108 -8.64 -5.67 -20.91
CA ASP B 108 -7.30 -5.85 -21.49
C ASP B 108 -6.21 -5.80 -20.42
N PRO B 109 -6.13 -6.83 -19.59
CA PRO B 109 -5.35 -6.77 -18.34
C PRO B 109 -3.86 -6.56 -18.58
N LEU B 110 -3.30 -7.14 -19.64
CA LEU B 110 -1.86 -7.03 -19.83
C LEU B 110 -1.49 -5.67 -20.42
N SER B 111 -2.47 -4.84 -20.75
CA SER B 111 -2.15 -3.48 -21.19
C SER B 111 -2.19 -2.50 -20.02
N TYR B 112 -2.65 -2.93 -18.85
CA TYR B 112 -2.77 -2.02 -17.72
C TYR B 112 -1.41 -1.59 -17.17
N ASN B 113 -1.29 -0.30 -16.85
CA ASN B 113 -0.11 0.25 -16.16
C ASN B 113 -0.61 1.23 -15.10
N GLY B 114 -0.27 0.95 -13.84
CA GLY B 114 -0.68 1.82 -12.75
C GLY B 114 -0.83 1.06 -11.44
N PRO B 115 -1.42 1.72 -10.43
CA PRO B 115 -1.62 1.07 -9.12
C PRO B 115 -2.53 -0.17 -9.20
N VAL B 116 -2.26 -1.14 -8.33
CA VAL B 116 -3.07 -2.34 -8.22
C VAL B 116 -3.24 -2.75 -6.76
N THR B 117 -4.18 -3.67 -6.52
CA THR B 117 -4.28 -4.35 -5.24
C THR B 117 -4.13 -5.84 -5.47
N LEU B 118 -3.61 -6.52 -4.46
CA LEU B 118 -3.58 -7.99 -4.41
C LEU B 118 -4.45 -8.41 -3.24
N TYR B 119 -5.44 -9.28 -3.49
CA TYR B 119 -6.28 -9.83 -2.44
C TYR B 119 -5.90 -11.28 -2.19
N LEU B 120 -5.77 -11.65 -0.91
CA LEU B 120 -5.37 -12.98 -0.50
C LEU B 120 -6.15 -13.43 0.74
N SER B 121 -6.64 -14.66 0.74
CA SER B 121 -7.16 -15.25 1.98
C SER B 121 -6.00 -15.51 2.94
N ARG B 122 -6.23 -15.31 4.23
CA ARG B 122 -5.27 -15.70 5.24
C ARG B 122 -6.05 -16.33 6.41
N TYR B 123 -5.44 -17.25 7.13
CA TYR B 123 -6.07 -17.70 8.36
C TYR B 123 -5.53 -16.84 9.47
N ASP B 124 -6.40 -16.09 10.15
CA ASP B 124 -5.94 -15.27 11.24
C ASP B 124 -5.98 -16.07 12.55
N THR B 125 -4.81 -16.27 13.14
CA THR B 125 -4.72 -17.11 14.33
C THR B 125 -5.28 -16.40 15.58
N GLU B 126 -5.40 -15.07 15.51
CA GLU B 126 -6.02 -14.33 16.61
C GLU B 126 -7.54 -14.44 16.56
N LEU B 127 -8.11 -14.18 15.39
CA LEU B 127 -9.56 -14.18 15.23
C LEU B 127 -10.09 -15.60 15.07
N ASN B 128 -9.17 -16.55 14.89
CA ASN B 128 -9.51 -17.96 14.67
C ASN B 128 -10.46 -18.15 13.52
N LYS B 129 -10.16 -17.50 12.39
CA LYS B 129 -10.99 -17.64 11.21
C LYS B 129 -10.22 -17.21 9.97
N ASP B 130 -10.72 -17.62 8.81
CA ASP B 130 -10.20 -17.16 7.54
C ASP B 130 -10.63 -15.71 7.29
N VAL B 131 -9.71 -14.88 6.81
CA VAL B 131 -10.05 -13.49 6.50
C VAL B 131 -9.45 -13.11 5.15
N LEU B 132 -10.16 -12.25 4.42
CA LEU B 132 -9.64 -11.72 3.15
C LEU B 132 -8.74 -10.53 3.45
N CYS B 133 -7.56 -10.51 2.85
CA CYS B 133 -6.58 -9.45 3.09
C CYS B 133 -6.22 -8.71 1.80
N VAL B 134 -5.99 -7.41 1.90
CA VAL B 134 -5.66 -6.59 0.74
C VAL B 134 -4.23 -6.02 0.88
N HIS B 135 -3.55 -5.85 -0.24
CA HIS B 135 -2.18 -5.30 -0.29
C HIS B 135 -2.11 -4.34 -1.47
N THR B 136 -1.38 -3.24 -1.33
CA THR B 136 -1.31 -2.28 -2.43
C THR B 136 0.06 -2.29 -3.12
N GLY B 137 0.07 -1.95 -4.40
CA GLY B 137 1.32 -1.83 -5.14
C GLY B 137 1.09 -1.30 -6.54
N PHE B 138 2.00 -1.65 -7.45
CA PHE B 138 2.03 -1.09 -8.80
C PHE B 138 2.29 -2.20 -9.82
N MSE B 139 1.68 -2.09 -11.00
CA MSE B 139 1.86 -3.08 -12.05
C MSE B 139 2.17 -2.43 -13.40
O MSE B 139 1.61 -1.38 -13.74
CB MSE B 139 0.61 -3.95 -12.20
CG MSE B 139 0.73 -4.97 -13.35
SE MSE B 139 -0.84 -6.18 -13.47
CE MSE B 139 -0.63 -7.15 -11.78
N SER B 140 3.02 -3.08 -14.16
CA SER B 140 3.29 -2.65 -15.53
C SER B 140 3.23 -3.86 -16.44
N GLU B 141 2.16 -3.96 -17.22
CA GLU B 141 1.95 -5.05 -18.19
C GLU B 141 2.20 -6.46 -17.64
N GLY B 142 1.49 -6.79 -16.56
CA GLY B 142 1.54 -8.12 -16.00
C GLY B 142 2.70 -8.38 -15.05
N HIS B 143 3.42 -7.32 -14.70
CA HIS B 143 4.52 -7.44 -13.74
C HIS B 143 4.32 -6.43 -12.62
N HIS B 144 4.43 -6.87 -11.37
CA HIS B 144 4.04 -5.99 -10.25
C HIS B 144 5.07 -6.00 -9.14
N ASP B 145 4.82 -5.21 -8.08
CA ASP B 145 5.83 -5.02 -7.04
C ASP B 145 5.34 -5.40 -5.64
N ILE B 146 4.31 -6.23 -5.56
CA ILE B 146 3.79 -6.64 -4.26
C ILE B 146 4.50 -7.92 -3.85
N LYS B 147 5.21 -7.87 -2.73
CA LYS B 147 6.03 -8.98 -2.25
C LYS B 147 5.15 -10.17 -1.92
N THR B 148 5.54 -11.35 -2.41
CA THR B 148 4.75 -12.55 -2.18
C THR B 148 5.66 -13.70 -1.77
N VAL B 149 5.07 -14.77 -1.25
CA VAL B 149 5.78 -16.05 -1.13
C VAL B 149 5.12 -17.06 -2.08
N PHE B 150 5.75 -18.20 -2.31
CA PHE B 150 5.30 -19.13 -3.35
C PHE B 150 3.85 -19.62 -3.12
N GLY B 151 3.47 -19.76 -1.85
CA GLY B 151 2.14 -20.20 -1.51
C GLY B 151 1.05 -19.20 -1.88
N ASP B 152 1.47 -17.97 -2.20
CA ASP B 152 0.52 -16.91 -2.52
C ASP B 152 0.07 -16.94 -3.97
N CYS B 153 0.62 -17.85 -4.76
CA CYS B 153 0.09 -18.06 -6.11
C CYS B 153 -1.44 -18.23 -6.01
N GLY B 154 -2.18 -17.59 -6.90
CA GLY B 154 -3.62 -17.62 -6.82
C GLY B 154 -4.21 -16.39 -6.16
N GLY B 155 -3.34 -15.53 -5.61
CA GLY B 155 -3.79 -14.23 -5.14
C GLY B 155 -4.39 -13.48 -6.33
N MSE B 156 -5.34 -12.60 -6.08
CA MSE B 156 -6.14 -11.98 -7.13
C MSE B 156 -5.84 -10.49 -7.22
O MSE B 156 -5.97 -9.76 -6.24
CB MSE B 156 -7.64 -12.19 -6.84
CG MSE B 156 -8.04 -13.67 -6.93
SE MSE B 156 -9.77 -14.02 -6.10
CE MSE B 156 -10.87 -13.13 -7.45
N LEU B 157 -5.45 -10.07 -8.41
CA LEU B 157 -4.98 -8.71 -8.64
C LEU B 157 -6.05 -7.87 -9.33
N PHE B 158 -6.32 -6.68 -8.77
CA PHE B 158 -7.38 -5.79 -9.25
C PHE B 158 -6.84 -4.40 -9.58
N ASP B 159 -7.46 -3.72 -10.56
CA ASP B 159 -7.14 -2.33 -10.82
C ASP B 159 -7.86 -1.47 -9.75
N PRO B 160 -7.61 -0.15 -9.72
CA PRO B 160 -8.18 0.65 -8.61
C PRO B 160 -9.70 0.80 -8.60
N LYS B 161 -10.36 0.38 -9.68
CA LYS B 161 -11.82 0.45 -9.75
C LYS B 161 -12.45 -0.89 -9.40
N GLY B 162 -11.65 -1.88 -9.07
CA GLY B 162 -12.18 -3.19 -8.73
C GLY B 162 -12.33 -4.14 -9.91
N ARG B 163 -11.62 -3.86 -11.00
CA ARG B 163 -11.67 -4.75 -12.17
C ARG B 163 -10.58 -5.80 -12.04
N LEU B 164 -10.94 -7.08 -12.15
CA LEU B 164 -9.96 -8.17 -12.03
C LEU B 164 -8.96 -8.13 -13.18
N LEU B 165 -7.66 -8.11 -12.85
CA LEU B 165 -6.62 -8.18 -13.85
C LEU B 165 -6.21 -9.63 -14.06
N GLY B 166 -6.08 -10.38 -12.97
CA GLY B 166 -5.65 -11.76 -13.08
C GLY B 166 -5.11 -12.30 -11.77
N LEU B 167 -4.32 -13.35 -11.85
CA LEU B 167 -3.87 -14.08 -10.66
C LEU B 167 -2.38 -13.97 -10.50
N HIS B 168 -1.92 -13.79 -9.26
CA HIS B 168 -0.49 -13.85 -9.04
C HIS B 168 0.01 -15.28 -9.33
N CYS B 169 1.07 -15.42 -10.12
CA CYS B 169 1.42 -16.76 -10.59
C CYS B 169 2.88 -17.14 -10.42
N ALA B 170 3.76 -16.15 -10.31
CA ALA B 170 5.18 -16.46 -10.25
C ALA B 170 6.05 -15.26 -9.87
N GLY B 171 7.33 -15.53 -9.65
CA GLY B 171 8.25 -14.46 -9.33
C GLY B 171 9.66 -14.96 -9.12
N SER B 172 10.54 -14.05 -8.71
CA SER B 172 11.95 -14.33 -8.48
C SER B 172 12.57 -13.28 -7.55
N ASP B 173 13.69 -13.64 -6.92
CA ASP B 173 14.40 -12.72 -6.03
C ASP B 173 15.09 -11.58 -6.80
N ASP B 174 15.49 -11.85 -8.04
CA ASP B 174 16.17 -10.84 -8.84
C ASP B 174 15.94 -11.12 -10.31
N VAL B 175 16.12 -10.10 -11.14
CA VAL B 175 16.04 -10.26 -12.57
C VAL B 175 17.39 -9.85 -13.16
N VAL B 176 17.59 -10.15 -14.44
CA VAL B 176 18.70 -9.55 -15.17
C VAL B 176 18.12 -8.59 -16.19
N PHE B 177 18.90 -7.58 -16.58
CA PHE B 177 18.40 -6.56 -17.49
C PHE B 177 19.14 -6.58 -18.81
N MSE B 178 18.38 -6.43 -19.91
CA MSE B 178 18.92 -6.33 -21.28
C MSE B 178 17.93 -5.53 -22.12
O MSE B 178 16.77 -5.35 -21.71
CB MSE B 178 19.11 -7.72 -21.91
CG MSE B 178 20.13 -8.62 -21.26
SE MSE B 178 21.96 -7.99 -21.52
CE MSE B 178 22.20 -8.43 -23.41
N ASP B 179 18.34 -5.08 -23.29
CA ASP B 179 17.34 -4.61 -24.25
C ASP B 179 16.79 -5.86 -24.95
N THR B 180 15.66 -6.34 -24.44
CA THR B 180 15.03 -7.58 -24.88
C THR B 180 14.45 -7.48 -26.29
N THR B 181 14.50 -6.29 -26.89
CA THR B 181 14.08 -6.15 -28.27
C THR B 181 15.23 -6.33 -29.25
N THR B 182 16.47 -6.31 -28.76
CA THR B 182 17.63 -6.35 -29.65
C THR B 182 18.71 -7.36 -29.28
N GLY B 183 18.70 -7.85 -28.04
CA GLY B 183 19.75 -8.76 -27.58
C GLY B 183 21.02 -8.02 -27.16
N LYS B 184 20.94 -6.70 -27.13
CA LYS B 184 22.08 -5.87 -26.71
C LYS B 184 21.93 -5.46 -25.25
N SER B 185 23.04 -5.23 -24.57
CA SER B 185 22.97 -4.70 -23.21
C SER B 185 22.40 -3.28 -23.24
N ASN B 186 21.74 -2.85 -22.17
CA ASN B 186 21.37 -1.44 -22.07
C ASN B 186 21.89 -0.89 -20.75
N ILE B 187 21.46 0.30 -20.34
CA ILE B 187 22.03 0.90 -19.14
C ILE B 187 21.73 0.09 -17.85
N TRP B 188 20.66 -0.70 -17.87
CA TRP B 188 20.26 -1.44 -16.66
C TRP B 188 21.03 -2.76 -16.53
N THR B 189 21.66 -3.18 -17.62
CA THR B 189 22.51 -4.36 -17.54
C THR B 189 23.58 -4.14 -16.48
N SER B 190 24.03 -2.89 -16.36
CA SER B 190 25.01 -2.52 -15.34
C SER B 190 24.42 -2.41 -13.92
N TYR B 191 23.09 -2.34 -13.82
CA TYR B 191 22.40 -2.11 -12.54
C TYR B 191 22.69 -3.20 -11.53
N LYS B 192 23.02 -2.80 -10.30
CA LYS B 192 23.44 -3.75 -9.28
C LYS B 192 22.54 -3.80 -8.04
N LEU B 193 21.46 -3.03 -8.01
CA LEU B 193 20.51 -3.12 -6.90
C LEU B 193 19.52 -4.25 -7.21
N GLN B 194 19.13 -5.01 -6.21
CA GLN B 194 18.22 -6.14 -6.44
C GLN B 194 16.84 -5.65 -6.91
N HIS B 195 16.30 -6.33 -7.90
CA HIS B 195 14.98 -6.04 -8.44
C HIS B 195 14.21 -7.36 -8.62
N PRO B 196 13.45 -7.77 -7.60
CA PRO B 196 12.66 -9.00 -7.69
C PRO B 196 11.61 -8.91 -8.79
N SER B 197 11.12 -10.03 -9.28
CA SER B 197 9.96 -9.99 -10.17
C SER B 197 8.76 -10.60 -9.48
N GLU B 198 7.59 -10.06 -9.80
CA GLU B 198 6.33 -10.68 -9.43
C GLU B 198 5.46 -10.66 -10.68
N ILE B 199 4.84 -11.79 -11.00
CA ILE B 199 4.25 -11.97 -12.32
C ILE B 199 2.82 -12.45 -12.25
N MSE B 200 1.99 -11.96 -13.17
CA MSE B 200 0.57 -12.29 -13.24
C MSE B 200 0.20 -13.15 -14.45
O MSE B 200 0.81 -13.00 -15.51
CB MSE B 200 -0.23 -10.99 -13.28
CG MSE B 200 -1.69 -11.23 -13.51
SE MSE B 200 -2.57 -9.54 -13.63
CE MSE B 200 -2.15 -8.97 -15.42
N ILE B 201 -0.80 -14.02 -14.31
CA ILE B 201 -1.40 -14.70 -15.47
C ILE B 201 -2.89 -14.37 -15.55
N THR B 202 -3.41 -14.14 -16.75
CA THR B 202 -4.85 -13.90 -16.87
C THR B 202 -5.62 -15.22 -16.88
N LEU B 203 -6.93 -15.13 -16.65
CA LEU B 203 -7.79 -16.30 -16.65
C LEU B 203 -7.90 -16.91 -18.04
N ASN B 204 -7.47 -16.15 -19.03
CA ASN B 204 -7.44 -16.66 -20.39
C ASN B 204 -6.03 -17.10 -20.81
N ASN B 205 -5.21 -17.44 -19.82
CA ASN B 205 -3.87 -17.99 -20.03
C ASN B 205 -2.90 -17.05 -20.75
N GLU B 206 -3.09 -15.75 -20.60
CA GLU B 206 -2.15 -14.79 -21.17
C GLU B 206 -1.13 -14.37 -20.10
N ILE B 207 0.14 -14.46 -20.45
CA ILE B 207 1.21 -14.04 -19.56
C ILE B 207 2.30 -13.25 -20.34
N ASN B 208 2.86 -12.22 -19.72
CA ASN B 208 3.89 -11.41 -20.36
C ASN B 208 5.30 -11.95 -20.07
N LEU B 209 5.58 -13.12 -20.63
CA LEU B 209 6.91 -13.72 -20.59
C LEU B 209 7.27 -14.26 -21.98
N PRO B 210 8.56 -14.22 -22.32
CA PRO B 210 8.97 -14.90 -23.56
C PRO B 210 8.77 -16.40 -23.40
N ASN B 211 8.53 -17.11 -24.50
CA ASN B 211 8.34 -18.57 -24.48
C ASN B 211 7.38 -19.04 -23.37
N PRO B 212 6.16 -18.47 -23.30
CA PRO B 212 5.25 -18.68 -22.19
C PRO B 212 4.69 -20.09 -22.07
N ALA B 213 4.74 -20.89 -23.13
CA ALA B 213 4.30 -22.27 -23.01
C ALA B 213 5.09 -22.96 -21.91
N ASN B 214 4.37 -23.60 -20.99
CA ASN B 214 4.97 -24.29 -19.86
C ASN B 214 5.85 -23.40 -18.99
N TYR B 215 5.52 -22.12 -18.90
CA TYR B 215 6.34 -21.16 -18.14
C TYR B 215 6.53 -21.60 -16.71
N ASP B 216 5.56 -22.36 -16.20
CA ASP B 216 5.53 -22.70 -14.78
C ASP B 216 6.54 -23.82 -14.49
N PHE B 217 6.93 -24.54 -15.53
CA PHE B 217 7.95 -25.57 -15.42
C PHE B 217 9.34 -25.06 -15.84
N GLU B 218 9.40 -23.83 -16.35
CA GLU B 218 10.69 -23.26 -16.77
C GLU B 218 11.60 -23.03 -15.57
N THR B 219 12.90 -23.13 -15.80
CA THR B 219 13.87 -22.88 -14.74
C THR B 219 14.67 -21.61 -15.04
N THR B 220 14.30 -20.94 -16.14
CA THR B 220 15.03 -19.77 -16.62
C THR B 220 14.99 -18.59 -15.65
N LYS B 221 16.08 -17.84 -15.60
CA LYS B 221 16.11 -16.53 -14.96
C LYS B 221 15.12 -15.57 -15.65
N VAL B 222 14.55 -14.64 -14.89
CA VAL B 222 13.61 -13.67 -15.47
C VAL B 222 14.39 -12.47 -16.04
N VAL B 223 14.07 -12.07 -17.27
CA VAL B 223 14.74 -10.97 -17.95
C VAL B 223 13.84 -9.76 -18.16
N TYR B 224 14.25 -8.62 -17.61
CA TYR B 224 13.52 -7.36 -17.74
C TYR B 224 14.27 -6.40 -18.64
N GLN B 225 13.57 -5.49 -19.29
CA GLN B 225 14.27 -4.49 -20.08
C GLN B 225 14.63 -3.30 -19.17
N HIS B 226 13.82 -3.07 -18.15
CA HIS B 226 14.01 -1.94 -17.26
C HIS B 226 13.18 -2.15 -15.99
N PRO B 227 13.47 -1.38 -14.94
CA PRO B 227 12.63 -1.47 -13.75
C PRO B 227 11.16 -1.13 -14.05
N LEU B 228 10.27 -1.58 -13.18
CA LEU B 228 8.86 -1.23 -13.32
C LEU B 228 8.70 0.28 -13.42
N ARG B 229 7.96 0.73 -14.42
CA ARG B 229 7.82 2.17 -14.62
C ARG B 229 6.57 2.53 -15.39
N ASN B 230 6.10 3.73 -15.12
CA ASN B 230 5.05 4.36 -15.88
C ASN B 230 5.67 5.40 -16.79
N VAL B 231 5.28 5.43 -18.05
CA VAL B 231 5.96 6.29 -19.03
C VAL B 231 5.94 7.77 -18.64
N CYS B 232 4.75 8.30 -18.35
CA CYS B 232 4.64 9.70 -17.97
C CYS B 232 5.47 10.02 -16.73
N ALA B 233 5.40 9.14 -15.73
CA ALA B 233 6.13 9.33 -14.47
C ALA B 233 7.64 9.31 -14.68
N THR B 234 8.09 8.44 -15.57
CA THR B 234 9.50 8.34 -15.89
C THR B 234 9.99 9.61 -16.57
N LEU B 235 9.22 10.11 -17.53
CA LEU B 235 9.60 11.32 -18.24
C LEU B 235 9.64 12.53 -17.28
N GLU B 236 8.65 12.59 -16.38
CA GLU B 236 8.59 13.67 -15.38
C GLU B 236 9.82 13.65 -14.46
N THR B 237 10.18 12.46 -14.00
CA THR B 237 11.33 12.28 -13.12
C THR B 237 12.63 12.63 -13.86
N LEU B 238 12.80 12.12 -15.08
CA LEU B 238 14.04 12.40 -15.83
C LEU B 238 14.22 13.89 -16.17
N GLN B 239 13.12 14.58 -16.43
CA GLN B 239 13.18 16.01 -16.71
C GLN B 239 13.60 16.79 -15.46
N HIS B 240 13.03 16.41 -14.31
CA HIS B 240 13.41 17.03 -13.05
C HIS B 240 14.90 16.85 -12.76
N LEU B 241 15.42 15.66 -13.02
CA LEU B 241 16.83 15.37 -12.76
C LEU B 241 17.81 16.06 -13.72
N THR B 242 17.43 16.16 -14.99
CA THR B 242 18.41 16.53 -16.03
C THR B 242 18.21 17.91 -16.65
N ASN B 243 17.05 18.53 -16.41
CA ASN B 243 16.67 19.71 -17.20
C ASN B 243 15.61 20.51 -16.45
N LYS B 244 16.02 21.18 -15.38
CA LYS B 244 15.07 21.77 -14.44
C LYS B 244 14.23 22.90 -15.04
N THR B 245 14.73 23.57 -16.07
CA THR B 245 13.96 24.63 -16.70
C THR B 245 13.01 24.08 -17.75
N ASN B 246 13.12 22.78 -18.03
CA ASN B 246 12.35 22.12 -19.09
C ASN B 246 12.52 22.80 -20.46
N ALA B 247 13.71 23.30 -20.73
CA ALA B 247 14.05 23.82 -22.05
C ALA B 247 13.89 22.72 -23.09
N LYS B 248 13.46 23.08 -24.29
CA LYS B 248 13.23 22.10 -25.35
C LYS B 248 14.52 21.37 -25.73
N LEU B 249 14.46 20.04 -25.75
CA LEU B 249 15.59 19.22 -26.18
C LEU B 249 15.06 18.09 -27.05
N PRO B 250 15.84 17.69 -28.07
CA PRO B 250 15.37 16.60 -28.94
C PRO B 250 15.33 15.27 -28.20
N TYR B 251 14.49 14.36 -28.67
CA TYR B 251 14.40 12.98 -28.16
C TYR B 251 15.75 12.26 -28.29
N ASP B 252 16.11 11.51 -27.27
CA ASP B 252 17.32 10.70 -27.30
C ASP B 252 16.90 9.25 -27.48
N SER B 253 17.41 8.59 -28.52
CA SER B 253 16.96 7.25 -28.86
C SER B 253 17.29 6.23 -27.77
N ARG B 254 18.18 6.59 -26.84
CA ARG B 254 18.49 5.68 -25.75
C ARG B 254 17.30 5.54 -24.81
N LEU B 255 16.34 6.46 -24.88
CA LEU B 255 15.10 6.32 -24.12
C LEU B 255 14.33 5.07 -24.53
N LEU B 256 14.46 4.67 -25.79
CA LEU B 256 13.76 3.49 -26.26
C LEU B 256 14.44 2.23 -25.73
N SER B 257 15.76 2.16 -25.83
CA SER B 257 16.47 0.97 -25.38
C SER B 257 16.58 0.86 -23.86
N ASP B 258 16.64 1.99 -23.16
CA ASP B 258 16.83 1.97 -21.71
C ASP B 258 15.50 1.95 -20.94
N PHE B 259 14.46 2.56 -21.50
CA PHE B 259 13.17 2.72 -20.79
C PHE B 259 11.94 2.30 -21.58
N ASN B 260 12.15 1.82 -22.80
CA ASN B 260 11.07 1.52 -23.74
C ASN B 260 10.08 2.68 -23.84
N ILE B 261 10.61 3.87 -24.05
CA ILE B 261 9.82 5.08 -24.24
C ILE B 261 10.06 5.59 -25.65
N THR B 262 8.99 5.78 -26.41
CA THR B 262 9.09 6.15 -27.83
C THR B 262 9.20 7.66 -28.05
N ALA B 263 9.62 8.03 -29.25
CA ALA B 263 9.70 9.43 -29.62
C ALA B 263 8.31 10.10 -29.55
N GLU B 264 7.29 9.34 -29.94
CA GLU B 264 5.92 9.83 -29.88
C GLU B 264 5.51 10.15 -28.44
N GLN B 265 5.77 9.22 -27.52
CA GLN B 265 5.44 9.43 -26.12
C GLN B 265 6.22 10.61 -25.55
N TYR B 266 7.50 10.71 -25.93
CA TYR B 266 8.35 11.83 -25.50
C TYR B 266 7.74 13.13 -25.97
N ASN B 267 7.38 13.19 -27.25
CA ASN B 267 6.77 14.40 -27.81
C ASN B 267 5.43 14.69 -27.13
N GLN B 268 4.68 13.65 -26.84
CA GLN B 268 3.33 13.78 -26.29
C GLN B 268 3.28 14.43 -24.90
N TYR B 269 4.16 14.01 -23.99
CA TYR B 269 4.04 14.41 -22.60
C TYR B 269 4.71 15.74 -22.26
N GLY B 270 5.57 16.24 -23.15
CA GLY B 270 6.17 17.56 -23.00
C GLY B 270 7.18 17.72 -21.87
N TYR B 271 7.77 16.61 -21.43
CA TYR B 271 8.87 16.66 -20.48
C TYR B 271 10.21 16.46 -21.22
N TYR B 272 11.00 17.52 -21.33
CA TYR B 272 12.26 17.43 -22.08
C TYR B 272 13.43 17.00 -21.18
N ILE B 273 14.31 16.17 -21.76
CA ILE B 273 15.32 15.47 -20.98
C ILE B 273 16.70 15.64 -21.60
N ASP B 274 17.68 15.99 -20.79
CA ASP B 274 19.09 15.92 -21.20
C ASP B 274 19.60 14.53 -20.86
N TYR B 275 19.48 13.60 -21.80
CA TYR B 275 19.68 12.21 -21.47
C TYR B 275 21.15 11.92 -21.15
N ASN B 276 22.06 12.67 -21.76
CA ASN B 276 23.47 12.58 -21.45
C ASN B 276 23.73 12.78 -19.96
N ASN B 277 23.00 13.71 -19.35
CA ASN B 277 23.18 13.99 -17.94
C ASN B 277 22.70 12.82 -17.06
N PHE B 278 21.65 12.14 -17.49
CA PHE B 278 21.21 10.94 -16.78
C PHE B 278 22.27 9.84 -16.87
N VAL B 279 22.75 9.59 -18.08
CA VAL B 279 23.76 8.56 -18.30
C VAL B 279 25.01 8.81 -17.44
N ASN B 280 25.42 10.06 -17.41
CA ASN B 280 26.66 10.44 -16.72
C ASN B 280 26.51 10.45 -15.21
N ASN B 281 25.27 10.42 -14.74
CA ASN B 281 24.99 10.40 -13.30
C ASN B 281 24.12 9.20 -12.91
N PHE B 282 24.24 8.12 -13.69
CA PHE B 282 23.38 6.97 -13.51
C PHE B 282 23.36 6.42 -12.07
N ASN B 283 24.53 6.13 -11.53
CA ASN B 283 24.56 5.57 -10.18
C ASN B 283 24.03 6.59 -9.17
N ARG B 284 24.46 7.84 -9.30
CA ARG B 284 24.02 8.91 -8.39
C ARG B 284 22.49 9.05 -8.41
N TYR B 285 21.94 9.14 -9.61
CA TYR B 285 20.51 9.37 -9.75
C TYR B 285 19.67 8.17 -9.32
N THR B 286 20.21 6.96 -9.43
CA THR B 286 19.41 5.81 -9.06
C THR B 286 19.60 5.40 -7.60
N THR B 287 20.50 6.08 -6.88
CA THR B 287 20.73 5.78 -5.46
C THR B 287 20.43 6.98 -4.55
N THR B 288 20.06 8.12 -5.14
CA THR B 288 19.79 9.30 -4.34
C THR B 288 18.30 9.61 -4.39
N THR B 289 17.75 10.07 -3.27
CA THR B 289 16.32 10.32 -3.24
C THR B 289 16.01 11.68 -3.87
N ILE B 290 14.78 11.80 -4.34
CA ILE B 290 14.22 13.04 -4.85
C ILE B 290 13.25 13.55 -3.79
N GLY B 291 13.62 14.62 -3.10
CA GLY B 291 12.95 14.89 -1.84
C GLY B 291 13.32 13.70 -0.98
N THR B 292 12.32 12.93 -0.56
CA THR B 292 12.57 11.71 0.20
C THR B 292 12.08 10.46 -0.55
N LYS B 293 11.75 10.63 -1.83
CA LYS B 293 11.28 9.52 -2.66
C LYS B 293 12.46 8.84 -3.37
N SER B 294 12.48 7.51 -3.39
CA SER B 294 13.46 6.81 -4.21
C SER B 294 13.17 7.00 -5.70
N PHE B 295 14.19 6.85 -6.55
CA PHE B 295 14.03 6.88 -8.00
C PHE B 295 13.03 5.81 -8.49
N GLU B 296 13.09 4.61 -7.93
CA GLU B 296 12.20 3.56 -8.39
C GLU B 296 10.75 3.90 -8.06
N THR B 297 10.51 4.61 -6.96
CA THR B 297 9.16 5.05 -6.64
C THR B 297 8.71 6.16 -7.59
N CYS B 298 9.59 7.14 -7.83
CA CYS B 298 9.27 8.24 -8.75
C CYS B 298 8.89 7.81 -10.16
N ILE B 299 9.55 6.80 -10.71
CA ILE B 299 9.25 6.44 -12.09
C ILE B 299 7.99 5.59 -12.19
N LYS B 300 7.51 5.12 -11.04
CA LYS B 300 6.19 4.45 -10.99
C LYS B 300 5.06 5.46 -10.82
N TYR B 301 5.22 6.34 -9.83
CA TYR B 301 4.12 7.17 -9.35
C TYR B 301 4.22 8.64 -9.70
N GLY B 302 5.37 9.08 -10.18
CA GLY B 302 5.57 10.49 -10.48
C GLY B 302 6.13 11.20 -9.26
N LEU B 303 6.32 12.52 -9.36
CA LEU B 303 6.98 13.28 -8.30
C LEU B 303 6.05 13.72 -7.18
N MSE B 304 4.75 13.46 -7.34
CA MSE B 304 3.74 13.78 -6.32
C MSE B 304 3.85 15.24 -5.87
O MSE B 304 3.95 15.52 -4.67
CB MSE B 304 3.88 12.83 -5.12
CG MSE B 304 3.84 11.33 -5.46
SE MSE B 304 4.38 10.23 -3.91
CE MSE B 304 5.38 8.81 -4.81
N ASP B 305 3.83 16.17 -6.82
CA ASP B 305 3.98 17.59 -6.51
C ASP B 305 2.65 18.34 -6.65
C1 GOL C . 5.35 11.71 15.51
O1 GOL C . 4.86 10.48 15.98
C2 GOL C . 6.87 11.63 15.46
O2 GOL C . 7.29 11.43 14.13
C3 GOL C . 7.51 12.89 16.05
O3 GOL C . 7.17 13.00 17.42
C1 GOL D . 8.40 -5.38 -16.88
O1 GOL D . 7.31 -4.51 -17.12
C2 GOL D . 9.69 -4.57 -16.84
O2 GOL D . 9.47 -3.38 -16.13
C3 GOL D . 10.14 -4.22 -18.26
O3 GOL D . 10.69 -5.34 -18.90
#